data_1WMA
#
_entry.id   1WMA
#
_cell.length_a   54.450
_cell.length_b   55.350
_cell.length_c   95.930
_cell.angle_alpha   90.00
_cell.angle_beta   90.00
_cell.angle_gamma   90.00
#
_symmetry.space_group_name_H-M   'P 21 21 21'
#
loop_
_entity.id
_entity.type
_entity.pdbx_description
1 polymer 'Carbonyl reductase [NADPH] 1'
2 non-polymer 'SULFATE ION'
3 non-polymer 3-(4-AMINO-1-TERT-BUTYL-1H-PYRAZOLO[3,4-D]PYRIMIDIN-3-YL)PHENOL
4 non-polymer 'NADPH DIHYDRO-NICOTINAMIDE-ADENINE-DINUCLEOTIDE PHOSPHATE'
5 non-polymer 3,6,9,12,15,18,21,24-OCTAOXAHEXACOSAN-1-OL
6 non-polymer 3,6,9,12,15,18-HEXAOXAICOSANE-1,20-DIOL
7 water water
#
_entity_poly.entity_id   1
_entity_poly.type   'polypeptide(L)'
_entity_poly.pdbx_seq_one_letter_code
;SSGIHVALVTGGNKGIGLAIVRDLCRLFSGDVVLTARDVTRGQAAVQQLQAEGLSPRFHQLDIDDLQSIRALRDFLRKEY
GGLDVLVNNAGIAFKVADPTPFHIQAEVTMKTNFFGTRDVCTELLPLIKPQGRVVNVSSIMSVRALKSCSPELQQKFRSE
TITEEELVGLMNKFVEDTKKGVHQKEGWPSSAYGVTKIGVTVLSRIHARKLSEQRKGDKILLNACCPGWVRTDMAGPKAT
KSPEEGAETPVYLALLPPDAEGPHGQFVSEKRVEQW
;
_entity_poly.pdbx_strand_id   A
#
# COMPACT_ATOMS: atom_id res chain seq x y z
N SER A 2 -20.89 -6.81 15.91
CA SER A 2 -21.85 -5.71 15.83
C SER A 2 -21.20 -4.36 16.00
N GLY A 3 -19.96 -4.20 16.47
CA GLY A 3 -19.41 -2.86 16.69
C GLY A 3 -19.29 -2.01 15.46
N ILE A 4 -19.15 -0.69 15.57
CA ILE A 4 -18.98 0.14 14.40
C ILE A 4 -17.75 -0.29 13.60
N HIS A 5 -17.91 -0.31 12.29
CA HIS A 5 -16.80 -0.68 11.40
C HIS A 5 -15.89 0.52 11.19
N VAL A 6 -14.61 0.28 10.83
CA VAL A 6 -13.67 1.36 10.63
C VAL A 6 -12.74 1.05 9.46
N ALA A 7 -12.53 2.08 8.64
CA ALA A 7 -11.57 2.07 7.52
C ALA A 7 -10.51 3.13 7.76
N LEU A 8 -9.32 2.87 7.28
CA LEU A 8 -8.20 3.82 7.47
C LEU A 8 -7.34 3.87 6.22
N VAL A 9 -6.90 5.10 5.91
CA VAL A 9 -6.03 5.36 4.77
C VAL A 9 -4.76 6.01 5.26
N THR A 10 -3.60 5.46 4.83
CA THR A 10 -2.30 6.08 5.08
C THR A 10 -1.99 7.07 3.96
N GLY A 11 -1.26 8.15 4.28
CA GLY A 11 -1.01 9.20 3.29
C GLY A 11 -2.29 9.80 2.77
N GLY A 12 -3.17 10.22 3.69
CA GLY A 12 -4.50 10.68 3.34
C GLY A 12 -4.73 12.15 3.17
N ASN A 13 -3.70 12.98 3.38
CA ASN A 13 -3.91 14.42 3.37
C ASN A 13 -3.97 15.01 1.98
N LYS A 14 -3.49 14.33 0.96
CA LYS A 14 -3.49 14.91 -0.40
C LYS A 14 -3.44 13.77 -1.40
N GLY A 15 -3.51 14.12 -2.69
CA GLY A 15 -3.31 13.16 -3.75
C GLY A 15 -4.36 12.07 -3.77
N ILE A 16 -3.95 10.89 -4.21
CA ILE A 16 -4.87 9.74 -4.30
C ILE A 16 -5.45 9.41 -2.94
N GLY A 17 -4.63 9.45 -1.92
CA GLY A 17 -5.10 9.09 -0.57
C GLY A 17 -6.29 9.92 -0.11
N LEU A 18 -6.24 11.22 -0.32
CA LEU A 18 -7.36 12.10 0.01
C LEU A 18 -8.62 11.67 -0.72
N ALA A 19 -8.46 11.42 -2.04
CA ALA A 19 -9.61 11.02 -2.83
C ALA A 19 -10.19 9.68 -2.36
N ILE A 20 -9.34 8.75 -1.93
CA ILE A 20 -9.80 7.49 -1.36
C ILE A 20 -10.58 7.76 -0.09
N VAL A 21 -10.05 8.62 0.79
CA VAL A 21 -10.78 8.94 2.04
C VAL A 21 -12.17 9.49 1.70
N ARG A 22 -12.25 10.43 0.76
CA ARG A 22 -13.52 11.02 0.43
C ARG A 22 -14.53 9.99 -0.04
N ASP A 23 -14.08 9.07 -0.90
CA ASP A 23 -14.99 8.06 -1.39
C ASP A 23 -15.41 7.07 -0.29
N LEU A 24 -14.47 6.68 0.57
CA LEU A 24 -14.87 5.85 1.69
C LEU A 24 -15.83 6.57 2.62
N CYS A 25 -15.69 7.88 2.82
CA CYS A 25 -16.66 8.57 3.65
C CYS A 25 -18.07 8.38 3.11
N ARG A 26 -18.24 8.38 1.78
CA ARG A 26 -19.57 8.22 1.24
C ARG A 26 -20.00 6.75 1.10
N LEU A 27 -19.07 5.82 0.87
CA LEU A 27 -19.40 4.45 0.49
C LEU A 27 -19.13 3.41 1.52
N PHE A 28 -18.31 3.70 2.52
CA PHE A 28 -17.99 2.72 3.57
C PHE A 28 -18.96 2.86 4.74
N SER A 29 -19.57 1.76 5.15
CA SER A 29 -20.53 1.79 6.26
C SER A 29 -19.83 1.73 7.60
N GLY A 30 -19.44 2.86 8.11
CA GLY A 30 -18.71 3.01 9.37
C GLY A 30 -17.81 4.21 9.35
N ASP A 31 -16.93 4.26 10.35
CA ASP A 31 -16.02 5.43 10.45
C ASP A 31 -14.91 5.31 9.43
N VAL A 32 -14.42 6.45 8.98
CA VAL A 32 -13.28 6.53 8.10
C VAL A 32 -12.24 7.43 8.72
N VAL A 33 -11.02 6.88 8.88
CA VAL A 33 -9.92 7.59 9.51
C VAL A 33 -8.92 8.06 8.46
N LEU A 34 -8.86 9.36 8.27
CA LEU A 34 -7.81 10.01 7.49
C LEU A 34 -6.57 10.04 8.37
N THR A 35 -5.43 9.51 7.89
CA THR A 35 -4.19 9.65 8.62
C THR A 35 -3.19 10.45 7.79
N ALA A 36 -2.25 11.09 8.49
CA ALA A 36 -1.25 11.89 7.83
C ALA A 36 -0.04 12.02 8.75
N ARG A 37 1.15 12.12 8.19
CA ARG A 37 2.34 12.24 9.01
C ARG A 37 2.44 13.65 9.62
N ASP A 38 1.99 14.64 8.90
CA ASP A 38 1.99 16.03 9.32
C ASP A 38 0.62 16.36 9.87
N VAL A 39 0.53 16.60 11.19
CA VAL A 39 -0.76 16.83 11.84
C VAL A 39 -1.45 18.05 11.30
N THR A 40 -0.68 19.07 10.94
N THR A 40 -0.75 19.12 10.91
CA THR A 40 -1.27 20.30 10.38
CA THR A 40 -1.50 20.28 10.38
C THR A 40 -1.91 20.01 9.03
C THR A 40 -2.00 19.99 8.98
N ARG A 41 -1.24 19.30 8.14
CA ARG A 41 -1.79 18.96 6.81
C ARG A 41 -2.93 18.01 6.93
N GLY A 42 -2.88 17.08 7.87
CA GLY A 42 -3.97 16.15 8.08
C GLY A 42 -5.22 16.82 8.55
N GLN A 43 -5.10 17.70 9.55
CA GLN A 43 -6.27 18.46 10.03
C GLN A 43 -6.84 19.36 8.97
N ALA A 44 -5.98 19.96 8.15
CA ALA A 44 -6.50 20.80 7.05
C ALA A 44 -7.28 19.99 6.07
N ALA A 45 -6.83 18.76 5.79
CA ALA A 45 -7.55 17.92 4.84
C ALA A 45 -8.90 17.50 5.42
N VAL A 46 -8.98 17.18 6.70
CA VAL A 46 -10.23 16.85 7.35
C VAL A 46 -11.16 18.06 7.28
N GLN A 47 -10.63 19.29 7.50
CA GLN A 47 -11.48 20.47 7.41
C GLN A 47 -12.03 20.66 5.99
N GLN A 48 -11.22 20.35 4.98
CA GLN A 48 -11.65 20.42 3.59
C GLN A 48 -12.81 19.48 3.36
N LEU A 49 -12.69 18.23 3.83
CA LEU A 49 -13.75 17.26 3.63
C LEU A 49 -14.97 17.63 4.42
N GLN A 50 -14.81 18.24 5.62
CA GLN A 50 -15.98 18.74 6.36
C GLN A 50 -16.69 19.82 5.57
N ALA A 51 -15.97 20.69 4.88
CA ALA A 51 -16.62 21.74 4.06
C ALA A 51 -17.40 21.10 2.92
N GLU A 52 -17.09 19.87 2.55
CA GLU A 52 -17.81 19.12 1.53
C GLU A 52 -18.99 18.34 2.13
N GLY A 53 -19.17 18.40 3.45
CA GLY A 53 -20.26 17.72 4.13
C GLY A 53 -19.93 16.38 4.71
N LEU A 54 -18.67 15.99 4.78
CA LEU A 54 -18.22 14.68 5.19
C LEU A 54 -17.57 14.74 6.58
N SER A 55 -17.46 13.57 7.20
CA SER A 55 -17.04 13.53 8.61
C SER A 55 -15.99 12.49 8.90
N PRO A 56 -14.82 12.60 8.23
CA PRO A 56 -13.73 11.69 8.56
C PRO A 56 -13.18 11.96 9.94
N ARG A 57 -12.69 10.91 10.56
CA ARG A 57 -11.87 11.05 11.78
C ARG A 57 -10.46 11.33 11.38
N PHE A 58 -9.59 11.77 12.28
CA PHE A 58 -8.21 11.98 12.03
C PHE A 58 -7.37 11.21 13.03
N HIS A 59 -6.26 10.64 12.56
CA HIS A 59 -5.20 10.24 13.47
C HIS A 59 -3.85 10.44 12.78
N GLN A 60 -2.86 10.88 13.52
CA GLN A 60 -1.54 11.04 12.96
C GLN A 60 -0.96 9.67 12.65
N LEU A 61 -0.19 9.61 11.55
CA LEU A 61 0.59 8.42 11.22
C LEU A 61 1.71 8.75 10.27
N ASP A 62 2.94 8.48 10.69
CA ASP A 62 4.11 8.50 9.83
C ASP A 62 4.59 7.04 9.75
N ILE A 63 4.51 6.45 8.57
CA ILE A 63 4.82 5.01 8.44
C ILE A 63 6.30 4.73 8.63
N ASP A 64 7.13 5.77 8.68
CA ASP A 64 8.56 5.63 8.92
C ASP A 64 8.93 5.80 10.38
N ASP A 65 7.98 6.00 11.27
CA ASP A 65 8.20 6.15 12.73
C ASP A 65 7.45 5.02 13.41
N LEU A 66 8.18 4.02 13.91
CA LEU A 66 7.50 2.87 14.52
C LEU A 66 6.65 3.25 15.71
N GLN A 67 7.05 4.30 16.46
CA GLN A 67 6.23 4.73 17.58
C GLN A 67 4.92 5.35 17.13
N SER A 68 4.93 6.03 16.00
CA SER A 68 3.69 6.55 15.38
C SER A 68 2.76 5.39 15.01
N ILE A 69 3.32 4.36 14.37
CA ILE A 69 2.52 3.20 14.01
C ILE A 69 1.91 2.54 15.23
N ARG A 70 2.75 2.33 16.27
CA ARG A 70 2.26 1.63 17.45
C ARG A 70 1.22 2.45 18.16
N ALA A 71 1.33 3.77 18.19
CA ALA A 71 0.27 4.58 18.83
C ALA A 71 -1.03 4.41 18.09
N LEU A 72 -0.97 4.33 16.76
CA LEU A 72 -2.19 4.13 15.97
C LEU A 72 -2.78 2.75 16.24
N ARG A 73 -1.94 1.73 16.31
CA ARG A 73 -2.37 0.37 16.67
C ARG A 73 -3.15 0.41 17.97
N ASP A 74 -2.57 1.05 18.99
CA ASP A 74 -3.20 1.08 20.30
C ASP A 74 -4.53 1.82 20.26
N PHE A 75 -4.61 2.91 19.47
CA PHE A 75 -5.86 3.65 19.31
C PHE A 75 -6.97 2.80 18.71
N LEU A 76 -6.58 2.05 17.64
CA LEU A 76 -7.56 1.20 16.98
C LEU A 76 -8.04 0.10 17.90
N ARG A 77 -7.11 -0.52 18.64
CA ARG A 77 -7.55 -1.53 19.57
C ARG A 77 -8.52 -0.95 20.60
N LYS A 78 -8.19 0.19 21.19
CA LYS A 78 -9.01 0.79 22.23
C LYS A 78 -10.37 1.29 21.78
N GLU A 79 -10.35 1.98 20.65
CA GLU A 79 -11.57 2.64 20.20
C GLU A 79 -12.48 1.71 19.41
N TYR A 80 -11.95 0.76 18.67
CA TYR A 80 -12.72 -0.08 17.75
C TYR A 80 -12.55 -1.57 17.97
N GLY A 81 -11.55 -2.00 18.73
CA GLY A 81 -11.23 -3.39 18.87
C GLY A 81 -10.56 -4.03 17.71
N GLY A 82 -10.04 -3.24 16.79
CA GLY A 82 -9.41 -3.74 15.58
C GLY A 82 -9.65 -2.77 14.43
N LEU A 83 -9.70 -3.30 13.21
CA LEU A 83 -9.73 -2.53 11.96
C LEU A 83 -10.42 -3.34 10.89
N ASP A 84 -11.26 -2.75 10.04
CA ASP A 84 -11.92 -3.46 8.96
C ASP A 84 -11.22 -3.26 7.63
N VAL A 85 -10.89 -2.04 7.31
CA VAL A 85 -10.27 -1.74 6.02
C VAL A 85 -9.00 -0.95 6.23
N LEU A 86 -7.93 -1.40 5.60
CA LEU A 86 -6.65 -0.72 5.61
C LEU A 86 -6.23 -0.43 4.17
N VAL A 87 -5.98 0.84 3.87
CA VAL A 87 -5.45 1.23 2.57
C VAL A 87 -4.02 1.80 2.80
N ASN A 88 -3.02 1.02 2.40
CA ASN A 88 -1.61 1.42 2.44
C ASN A 88 -1.30 2.21 1.17
N ASN A 89 -1.59 3.51 1.24
CA ASN A 89 -1.44 4.43 0.10
C ASN A 89 -0.15 5.23 0.19
N ALA A 90 0.37 5.52 1.37
CA ALA A 90 1.53 6.38 1.49
C ALA A 90 2.69 5.88 0.64
N GLY A 91 3.39 6.80 -0.02
CA GLY A 91 4.54 6.48 -0.81
C GLY A 91 5.22 7.75 -1.28
N ILE A 92 6.45 7.60 -1.71
CA ILE A 92 7.29 8.70 -2.19
C ILE A 92 8.00 8.27 -3.46
N ALA A 93 8.48 9.29 -4.20
CA ALA A 93 9.28 9.09 -5.39
C ALA A 93 10.13 10.34 -5.66
N PHE A 94 11.34 10.17 -6.07
CA PHE A 94 12.20 11.27 -6.43
C PHE A 94 11.96 11.66 -7.87
N LYS A 95 11.99 12.95 -8.17
N LYS A 95 11.98 12.98 -8.08
CA LYS A 95 11.77 13.33 -9.57
CA LYS A 95 11.85 13.52 -9.43
C LYS A 95 13.01 13.16 -10.43
C LYS A 95 13.04 13.08 -10.30
N VAL A 96 12.85 13.23 -11.74
N VAL A 96 12.86 13.17 -11.61
CA VAL A 96 13.91 13.24 -12.72
CA VAL A 96 13.88 12.78 -12.56
C VAL A 96 14.93 14.31 -12.39
C VAL A 96 15.14 13.61 -12.37
N ALA A 97 16.19 13.95 -12.38
N ALA A 97 15.00 14.90 -12.12
CA ALA A 97 17.28 14.89 -12.21
CA ALA A 97 16.21 15.72 -12.06
C ALA A 97 17.37 15.41 -10.78
C ALA A 97 16.65 16.04 -10.64
N ASP A 98 16.69 14.80 -9.82
N ASP A 98 16.36 15.17 -9.67
CA ASP A 98 16.89 15.26 -8.43
CA ASP A 98 16.82 15.40 -8.31
C ASP A 98 18.34 15.04 -8.09
C ASP A 98 18.30 15.13 -8.19
N PRO A 99 19.04 15.99 -7.49
CA PRO A 99 20.47 15.82 -7.28
C PRO A 99 20.85 14.85 -6.18
N THR A 100 19.90 14.34 -5.43
CA THR A 100 20.23 13.39 -4.36
C THR A 100 20.97 12.19 -4.94
N PRO A 101 22.06 11.74 -4.34
CA PRO A 101 22.76 10.56 -4.89
C PRO A 101 21.82 9.36 -5.06
N PHE A 102 22.01 8.58 -6.13
CA PHE A 102 21.13 7.47 -6.45
C PHE A 102 21.01 6.49 -5.34
N HIS A 103 22.12 6.11 -4.70
CA HIS A 103 22.02 5.14 -3.62
C HIS A 103 21.23 5.65 -2.41
N ILE A 104 21.23 6.97 -2.16
CA ILE A 104 20.40 7.55 -1.15
C ILE A 104 18.95 7.55 -1.62
N GLN A 105 18.68 7.87 -2.89
CA GLN A 105 17.30 7.77 -3.37
C GLN A 105 16.80 6.35 -3.19
N ALA A 106 17.63 5.34 -3.49
CA ALA A 106 17.18 3.97 -3.29
C ALA A 106 16.86 3.69 -1.84
N GLU A 107 17.76 4.05 -0.93
CA GLU A 107 17.56 3.81 0.50
C GLU A 107 16.30 4.50 0.98
N VAL A 108 16.13 5.77 0.65
CA VAL A 108 15.01 6.58 1.18
C VAL A 108 13.69 6.10 0.63
N THR A 109 13.64 5.80 -0.69
CA THR A 109 12.40 5.36 -1.29
C THR A 109 12.02 3.99 -0.76
N MET A 110 13.01 3.10 -0.61
CA MET A 110 12.74 1.78 -0.08
C MET A 110 12.29 1.88 1.37
N LYS A 111 12.91 2.78 2.14
CA LYS A 111 12.56 2.91 3.56
C LYS A 111 11.06 3.18 3.72
N THR A 112 10.49 4.09 2.95
CA THR A 112 9.07 4.39 3.04
C THR A 112 8.22 3.35 2.34
N ASN A 113 8.45 3.21 1.04
CA ASN A 113 7.46 2.45 0.23
C ASN A 113 7.42 1.00 0.58
N PHE A 114 8.57 0.39 0.90
CA PHE A 114 8.60 -1.01 1.28
C PHE A 114 8.64 -1.16 2.82
N PHE A 115 9.66 -0.63 3.50
CA PHE A 115 9.78 -0.91 4.94
C PHE A 115 8.69 -0.25 5.79
N GLY A 116 8.30 0.98 5.46
CA GLY A 116 7.22 1.62 6.20
C GLY A 116 5.92 0.88 6.00
N THR A 117 5.60 0.56 4.73
CA THR A 117 4.41 -0.25 4.46
C THR A 117 4.41 -1.54 5.25
N ARG A 118 5.56 -2.21 5.22
CA ARG A 118 5.71 -3.47 5.94
C ARG A 118 5.48 -3.29 7.42
N ASP A 119 6.06 -2.27 8.04
CA ASP A 119 5.86 -2.05 9.48
C ASP A 119 4.42 -1.73 9.81
N VAL A 120 3.71 -0.99 8.98
CA VAL A 120 2.26 -0.78 9.20
C VAL A 120 1.54 -2.13 9.20
N CYS A 121 1.88 -2.97 8.24
CA CYS A 121 1.22 -4.29 8.17
C CYS A 121 1.57 -5.16 9.36
N THR A 122 2.84 -5.16 9.79
CA THR A 122 3.21 -5.96 10.95
C THR A 122 2.32 -5.60 12.14
N GLU A 123 2.08 -4.29 12.35
CA GLU A 123 1.32 -3.87 13.52
C GLU A 123 -0.17 -3.93 13.33
N LEU A 124 -0.67 -3.67 12.11
CA LEU A 124 -2.11 -3.56 11.89
C LEU A 124 -2.76 -4.76 11.26
N LEU A 125 -2.11 -5.58 10.45
CA LEU A 125 -2.77 -6.79 9.96
C LEU A 125 -3.34 -7.64 11.09
N PRO A 126 -2.69 -7.78 12.24
CA PRO A 126 -3.34 -8.61 13.29
C PRO A 126 -4.63 -8.05 13.79
N LEU A 127 -4.93 -6.81 13.54
CA LEU A 127 -6.15 -6.17 13.96
C LEU A 127 -7.28 -6.32 12.94
N ILE A 128 -6.98 -6.81 11.73
CA ILE A 128 -8.05 -6.87 10.71
C ILE A 128 -9.09 -7.88 11.14
N LYS A 129 -10.35 -7.48 11.07
CA LYS A 129 -11.47 -8.29 11.48
C LYS A 129 -11.97 -9.15 10.33
N PRO A 130 -12.71 -10.19 10.60
CA PRO A 130 -13.33 -10.96 9.49
C PRO A 130 -14.12 -10.08 8.54
N GLN A 131 -14.12 -10.43 7.26
CA GLN A 131 -14.74 -9.65 6.17
C GLN A 131 -13.97 -8.36 5.91
N GLY A 132 -12.79 -8.19 6.50
CA GLY A 132 -11.97 -7.03 6.28
C GLY A 132 -11.32 -7.03 4.89
N ARG A 133 -10.83 -5.89 4.46
CA ARG A 133 -10.09 -5.76 3.21
C ARG A 133 -8.83 -4.91 3.42
N VAL A 134 -7.77 -5.33 2.75
CA VAL A 134 -6.49 -4.63 2.75
C VAL A 134 -6.12 -4.32 1.31
N VAL A 135 -5.74 -3.07 1.09
CA VAL A 135 -5.40 -2.56 -0.23
C VAL A 135 -4.03 -1.93 -0.18
N ASN A 136 -3.09 -2.48 -0.92
CA ASN A 136 -1.73 -1.91 -0.99
C ASN A 136 -1.59 -1.19 -2.30
N VAL A 137 -1.29 0.11 -2.24
CA VAL A 137 -1.11 0.89 -3.48
C VAL A 137 0.32 0.72 -3.93
N SER A 138 0.46 -0.09 -5.00
CA SER A 138 1.76 -0.34 -5.60
C SER A 138 1.91 0.55 -6.80
N SER A 139 2.31 0.03 -7.93
CA SER A 139 2.35 0.78 -9.18
C SER A 139 2.53 -0.21 -10.29
N ILE A 140 2.01 0.15 -11.49
CA ILE A 140 2.33 -0.61 -12.70
C ILE A 140 3.84 -0.60 -12.93
N MET A 141 4.58 0.36 -12.37
CA MET A 141 6.03 0.35 -12.44
C MET A 141 6.63 -0.90 -11.82
N SER A 142 5.92 -1.57 -10.91
CA SER A 142 6.45 -2.84 -10.41
C SER A 142 6.46 -3.93 -11.46
N VAL A 143 5.41 -4.02 -12.28
CA VAL A 143 5.34 -4.99 -13.40
C VAL A 143 6.41 -4.66 -14.42
N ARG A 144 6.58 -3.36 -14.72
N ARG A 144 6.55 -3.34 -14.69
CA ARG A 144 7.58 -2.86 -15.65
CA ARG A 144 7.57 -2.98 -15.65
C ARG A 144 8.98 -3.17 -15.15
C ARG A 144 8.97 -3.31 -15.12
N ALA A 145 9.22 -2.95 -13.86
CA ALA A 145 10.56 -3.23 -13.30
C ALA A 145 10.86 -4.72 -13.23
N LEU A 146 9.86 -5.56 -12.97
CA LEU A 146 10.04 -6.98 -12.92
C LEU A 146 10.68 -7.49 -14.20
N LYS A 147 10.23 -6.98 -15.34
CA LYS A 147 10.74 -7.41 -16.65
C LYS A 147 12.23 -7.16 -16.78
N SER A 148 12.74 -6.11 -16.12
CA SER A 148 14.12 -5.70 -16.19
C SER A 148 15.03 -6.36 -15.15
N CYS A 149 14.48 -7.20 -14.29
CA CYS A 149 15.22 -8.00 -13.37
C CYS A 149 15.86 -9.18 -14.13
N SER A 150 16.95 -9.69 -13.56
CA SER A 150 17.49 -10.95 -14.11
C SER A 150 16.47 -12.07 -14.04
N PRO A 151 16.64 -13.12 -14.86
CA PRO A 151 15.75 -14.27 -14.74
C PRO A 151 15.74 -14.83 -13.32
N GLU A 152 16.91 -14.84 -12.64
CA GLU A 152 16.96 -15.38 -11.28
C GLU A 152 16.12 -14.58 -10.31
N LEU A 153 16.22 -13.24 -10.39
CA LEU A 153 15.37 -12.42 -9.51
C LEU A 153 13.91 -12.49 -9.92
N GLN A 154 13.59 -12.59 -11.20
CA GLN A 154 12.20 -12.75 -11.58
C GLN A 154 11.62 -14.00 -10.93
N GLN A 155 12.34 -15.11 -10.96
CA GLN A 155 11.83 -16.35 -10.36
C GLN A 155 11.59 -16.14 -8.88
N LYS A 156 12.48 -15.48 -8.17
CA LYS A 156 12.29 -15.24 -6.74
C LYS A 156 11.05 -14.38 -6.50
N PHE A 157 10.83 -13.34 -7.31
CA PHE A 157 9.71 -12.45 -7.10
C PHE A 157 8.38 -13.03 -7.55
N ARG A 158 8.40 -14.04 -8.42
CA ARG A 158 7.17 -14.72 -8.80
C ARG A 158 6.89 -15.95 -7.95
N SER A 159 7.82 -16.31 -7.06
CA SER A 159 7.64 -17.51 -6.27
C SER A 159 6.40 -17.51 -5.40
N GLU A 160 5.76 -18.66 -5.31
CA GLU A 160 4.62 -18.82 -4.44
C GLU A 160 5.06 -19.32 -3.04
N THR A 161 6.37 -19.48 -2.85
CA THR A 161 6.88 -19.95 -1.55
C THR A 161 7.77 -18.95 -0.85
N ILE A 162 8.04 -17.81 -1.48
CA ILE A 162 8.91 -16.81 -0.87
C ILE A 162 8.32 -16.35 0.47
N THR A 163 9.19 -16.15 1.45
CA THR A 163 8.81 -15.65 2.77
C THR A 163 9.03 -14.15 2.86
N GLU A 164 8.32 -13.51 3.83
CA GLU A 164 8.54 -12.08 4.03
C GLU A 164 9.99 -11.78 4.34
N GLU A 165 10.64 -12.64 5.11
CA GLU A 165 12.03 -12.38 5.52
C GLU A 165 12.96 -12.54 4.32
N GLU A 166 12.69 -13.44 3.39
CA GLU A 166 13.47 -13.52 2.15
C GLU A 166 13.31 -12.23 1.35
N LEU A 167 12.08 -11.74 1.24
CA LEU A 167 11.82 -10.50 0.49
C LEU A 167 12.56 -9.31 1.12
N VAL A 168 12.50 -9.20 2.43
CA VAL A 168 13.22 -8.17 3.14
C VAL A 168 14.71 -8.18 2.81
N GLY A 169 15.30 -9.36 2.84
CA GLY A 169 16.69 -9.51 2.50
C GLY A 169 17.00 -9.01 1.11
N LEU A 170 16.14 -9.35 0.14
CA LEU A 170 16.31 -8.92 -1.25
C LEU A 170 16.14 -7.42 -1.43
N MET A 171 15.17 -6.83 -0.73
CA MET A 171 14.97 -5.37 -0.82
C MET A 171 16.18 -4.63 -0.26
N ASN A 172 16.67 -5.07 0.90
CA ASN A 172 17.90 -4.49 1.42
C ASN A 172 19.09 -4.76 0.53
N LYS A 173 19.11 -5.91 -0.13
CA LYS A 173 20.21 -6.17 -1.06
C LYS A 173 20.23 -5.18 -2.20
N PHE A 174 19.04 -4.88 -2.77
CA PHE A 174 19.03 -3.86 -3.81
C PHE A 174 19.68 -2.58 -3.32
N VAL A 175 19.22 -2.08 -2.18
CA VAL A 175 19.73 -0.81 -1.68
C VAL A 175 21.24 -0.88 -1.46
N GLU A 176 21.72 -1.93 -0.78
CA GLU A 176 23.16 -2.07 -0.57
C GLU A 176 23.89 -2.18 -1.89
N ASP A 177 23.33 -2.86 -2.88
CA ASP A 177 23.99 -3.00 -4.16
C ASP A 177 24.12 -1.65 -4.86
N THR A 178 23.13 -0.79 -4.74
CA THR A 178 23.26 0.54 -5.31
C THR A 178 24.42 1.30 -4.70
N LYS A 179 24.59 1.15 -3.38
CA LYS A 179 25.69 1.88 -2.72
C LYS A 179 27.05 1.36 -3.16
N LYS A 180 27.11 0.07 -3.51
CA LYS A 180 28.35 -0.55 -3.98
C LYS A 180 28.57 -0.35 -5.48
N GLY A 181 27.64 0.29 -6.19
CA GLY A 181 27.81 0.51 -7.60
C GLY A 181 27.66 -0.76 -8.42
N VAL A 182 26.86 -1.71 -7.95
CA VAL A 182 26.83 -3.06 -8.53
C VAL A 182 25.43 -3.57 -8.79
N HIS A 183 24.42 -2.73 -8.62
CA HIS A 183 23.05 -3.27 -8.71
C HIS A 183 22.74 -3.86 -10.07
N GLN A 184 23.14 -3.23 -11.16
CA GLN A 184 22.80 -3.82 -12.45
C GLN A 184 23.53 -5.13 -12.67
N LYS A 185 24.80 -5.17 -12.30
CA LYS A 185 25.60 -6.41 -12.40
C LYS A 185 24.97 -7.53 -11.60
N GLU A 186 24.33 -7.20 -10.48
CA GLU A 186 23.68 -8.19 -9.64
C GLU A 186 22.28 -8.56 -10.11
N GLY A 187 21.82 -8.01 -11.20
CA GLY A 187 20.56 -8.37 -11.82
C GLY A 187 19.40 -7.46 -11.58
N TRP A 188 19.62 -6.30 -10.95
CA TRP A 188 18.55 -5.39 -10.65
C TRP A 188 18.24 -4.44 -11.80
N PRO A 189 17.02 -3.94 -11.88
CA PRO A 189 16.71 -2.87 -12.81
C PRO A 189 17.34 -1.56 -12.38
N SER A 190 17.26 -0.60 -13.31
CA SER A 190 17.78 0.72 -13.00
C SER A 190 16.88 1.56 -12.12
N SER A 191 15.56 1.30 -12.09
CA SER A 191 14.65 2.18 -11.39
C SER A 191 14.50 1.82 -9.92
N ALA A 192 14.99 2.68 -9.05
CA ALA A 192 14.84 2.40 -7.62
C ALA A 192 13.36 2.38 -7.22
N TYR A 193 12.58 3.38 -7.65
CA TYR A 193 11.18 3.39 -7.30
C TYR A 193 10.52 2.09 -7.75
N GLY A 194 10.80 1.68 -8.97
CA GLY A 194 10.19 0.45 -9.48
C GLY A 194 10.51 -0.75 -8.61
N VAL A 195 11.74 -0.89 -8.12
CA VAL A 195 12.08 -2.02 -7.24
C VAL A 195 11.31 -1.91 -5.92
N THR A 196 11.14 -0.69 -5.38
CA THR A 196 10.35 -0.58 -4.14
C THR A 196 8.95 -1.10 -4.33
N LYS A 197 8.39 -0.87 -5.50
CA LYS A 197 7.02 -1.32 -5.79
C LYS A 197 6.96 -2.79 -6.13
N ILE A 198 8.01 -3.38 -6.68
CA ILE A 198 8.13 -4.83 -6.68
C ILE A 198 7.97 -5.31 -5.25
N GLY A 199 8.68 -4.70 -4.30
CA GLY A 199 8.56 -5.08 -2.91
C GLY A 199 7.11 -5.02 -2.41
N VAL A 200 6.39 -3.93 -2.71
CA VAL A 200 4.99 -3.84 -2.29
C VAL A 200 4.15 -4.93 -2.92
N THR A 201 4.29 -5.17 -4.23
CA THR A 201 3.52 -6.18 -4.88
C THR A 201 3.77 -7.59 -4.28
N VAL A 202 5.05 -7.94 -4.11
CA VAL A 202 5.38 -9.26 -3.61
C VAL A 202 4.94 -9.40 -2.16
N LEU A 203 5.11 -8.32 -1.37
CA LEU A 203 4.65 -8.35 0.01
C LEU A 203 3.17 -8.67 0.04
N SER A 204 2.41 -8.08 -0.89
CA SER A 204 0.97 -8.34 -0.96
C SER A 204 0.69 -9.82 -1.23
N ARG A 205 1.42 -10.41 -2.16
CA ARG A 205 1.24 -11.81 -2.46
C ARG A 205 1.53 -12.68 -1.24
N ILE A 206 2.62 -12.38 -0.54
CA ILE A 206 2.97 -13.14 0.66
C ILE A 206 1.90 -13.02 1.73
N HIS A 207 1.44 -11.80 1.98
CA HIS A 207 0.43 -11.58 3.01
C HIS A 207 -0.89 -12.22 2.66
N ALA A 208 -1.28 -12.20 1.39
CA ALA A 208 -2.47 -12.90 0.99
C ALA A 208 -2.37 -14.39 1.26
N ARG A 209 -1.22 -14.99 0.90
N ARG A 209 -1.20 -14.97 1.00
CA ARG A 209 -1.06 -16.44 1.10
CA ARG A 209 -0.99 -16.36 1.41
C ARG A 209 -1.16 -16.78 2.56
C ARG A 209 -1.15 -16.50 2.91
N LYS A 210 -0.57 -15.96 3.44
N LYS A 210 -0.45 -15.58 3.61
CA LYS A 210 -0.69 -16.26 4.89
CA LYS A 210 -0.46 -15.78 5.06
C LYS A 210 -2.12 -16.11 5.36
C LYS A 210 -1.84 -15.69 5.68
N LEU A 211 -2.85 -15.10 4.85
N LEU A 211 -2.63 -14.69 5.27
CA LEU A 211 -4.26 -15.03 5.20
CA LEU A 211 -4.00 -14.52 5.79
C LEU A 211 -4.99 -16.31 4.81
C LEU A 211 -4.81 -15.77 5.52
N SER A 212 -4.73 -16.83 3.61
N SER A 212 -4.64 -16.34 4.34
CA SER A 212 -5.43 -18.05 3.18
CA SER A 212 -5.37 -17.56 3.98
C SER A 212 -4.99 -19.23 4.05
C SER A 212 -5.01 -18.69 4.95
N GLU A 213 -3.75 -19.25 4.46
N GLU A 213 -3.76 -18.75 5.39
CA GLU A 213 -3.16 -20.34 5.22
CA GLU A 213 -3.37 -19.86 6.25
C GLU A 213 -3.60 -20.31 6.68
C GLU A 213 -3.80 -19.64 7.69
N GLN A 214 -3.56 -19.12 7.24
N GLN A 214 -3.70 -18.38 8.12
CA GLN A 214 -3.69 -18.93 8.67
CA GLN A 214 -3.92 -18.16 9.53
C GLN A 214 -5.05 -18.41 9.13
C GLN A 214 -5.25 -17.52 9.91
N ARG A 215 -5.86 -17.86 8.24
N ARG A 215 -6.01 -17.11 8.94
CA ARG A 215 -7.17 -17.29 8.59
CA ARG A 215 -7.34 -16.50 9.13
C ARG A 215 -8.22 -17.76 7.60
C ARG A 215 -8.36 -17.18 8.23
N LYS A 216 -8.18 -19.04 7.24
N LYS A 216 -8.23 -18.48 8.01
CA LYS A 216 -9.27 -19.67 6.49
CA LYS A 216 -9.15 -19.13 7.07
C LYS A 216 -10.55 -19.44 7.31
C LYS A 216 -10.59 -19.05 7.54
N GLY A 217 -11.55 -18.98 6.60
CA GLY A 217 -12.87 -18.77 7.10
C GLY A 217 -13.16 -17.33 7.42
N ASP A 218 -12.14 -16.45 7.57
CA ASP A 218 -12.39 -15.08 7.97
C ASP A 218 -12.70 -14.16 6.78
N LYS A 219 -12.70 -14.66 5.57
CA LYS A 219 -13.22 -13.89 4.44
C LYS A 219 -12.53 -12.55 4.26
N ILE A 220 -11.22 -12.51 4.54
CA ILE A 220 -10.41 -11.31 4.30
C ILE A 220 -9.81 -11.33 2.90
N LEU A 221 -9.86 -10.19 2.22
CA LEU A 221 -9.29 -10.07 0.90
C LEU A 221 -8.20 -9.00 0.91
N LEU A 222 -7.08 -9.29 0.32
CA LEU A 222 -5.89 -8.40 0.33
C LEU A 222 -5.32 -8.40 -1.08
N ASN A 223 -5.12 -7.20 -1.63
CA ASN A 223 -4.61 -7.06 -2.98
C ASN A 223 -3.68 -5.86 -3.11
N ALA A 224 -2.82 -5.96 -4.14
CA ALA A 224 -2.03 -4.81 -4.56
C ALA A 224 -2.71 -4.15 -5.76
N CYS A 225 -2.40 -2.88 -6.01
CA CYS A 225 -3.02 -2.21 -7.16
C CYS A 225 -2.17 -1.08 -7.68
N CYS A 226 -2.56 -0.69 -8.92
CA CYS A 226 -2.08 0.56 -9.52
C CYS A 226 -3.29 1.45 -9.72
N PRO A 227 -3.18 2.71 -9.31
CA PRO A 227 -4.27 3.67 -9.52
C PRO A 227 -4.29 4.26 -10.92
N GLY A 228 -3.28 3.97 -11.73
CA GLY A 228 -3.07 4.64 -13.01
C GLY A 228 -2.22 5.87 -12.84
N TRP A 229 -2.07 6.66 -13.89
CA TRP A 229 -1.24 7.87 -13.90
C TRP A 229 -2.09 9.07 -13.49
N VAL A 230 -1.86 9.61 -12.30
CA VAL A 230 -2.76 10.52 -11.62
C VAL A 230 -2.07 11.86 -11.34
N ARG A 231 -2.81 12.93 -11.62
CA ARG A 231 -2.33 14.27 -11.34
C ARG A 231 -2.28 14.54 -9.83
N THR A 232 -1.07 14.54 -9.28
CA THR A 232 -0.76 14.72 -7.88
C THR A 232 0.58 15.41 -7.80
N ASP A 233 0.98 15.74 -6.59
CA ASP A 233 2.31 16.32 -6.42
C ASP A 233 3.39 15.33 -6.79
N MET A 234 3.13 14.02 -6.73
CA MET A 234 4.14 13.03 -7.14
C MET A 234 4.30 13.00 -8.64
N ALA A 235 3.20 12.88 -9.37
CA ALA A 235 3.26 12.67 -10.83
C ALA A 235 3.27 13.96 -11.63
N GLY A 236 2.83 15.08 -11.04
CA GLY A 236 2.71 16.33 -11.73
C GLY A 236 1.42 16.49 -12.53
N PRO A 237 1.25 17.68 -13.15
CA PRO A 237 -0.03 18.07 -13.73
C PRO A 237 -0.33 17.54 -15.12
N LYS A 238 0.60 16.84 -15.75
CA LYS A 238 0.35 16.37 -17.10
C LYS A 238 -0.24 14.96 -17.10
N ALA A 239 -0.39 14.33 -15.94
CA ALA A 239 -0.91 12.97 -15.89
C ALA A 239 -2.37 12.88 -16.34
N THR A 240 -2.80 11.71 -16.71
CA THR A 240 -4.04 11.38 -17.33
C THR A 240 -5.27 11.51 -16.43
N LYS A 241 -5.17 11.04 -15.23
CA LYS A 241 -6.31 10.93 -14.35
C LYS A 241 -6.36 12.01 -13.27
N SER A 242 -7.58 12.35 -12.87
CA SER A 242 -7.76 13.11 -11.65
C SER A 242 -7.57 12.23 -10.41
N PRO A 243 -7.36 12.82 -9.23
CA PRO A 243 -7.35 12.00 -8.01
C PRO A 243 -8.59 11.16 -7.85
N GLU A 244 -9.75 11.71 -8.20
CA GLU A 244 -11.01 10.98 -8.16
C GLU A 244 -10.95 9.73 -9.03
N GLU A 245 -10.44 9.86 -10.24
CA GLU A 245 -10.30 8.69 -11.09
C GLU A 245 -9.28 7.72 -10.55
N GLY A 246 -8.15 8.23 -10.03
CA GLY A 246 -7.12 7.37 -9.45
C GLY A 246 -7.61 6.53 -8.27
N ALA A 247 -8.55 7.08 -7.52
CA ALA A 247 -9.09 6.41 -6.33
C ALA A 247 -9.92 5.19 -6.68
N GLU A 248 -10.42 5.06 -7.90
CA GLU A 248 -11.46 4.09 -8.18
C GLU A 248 -11.04 2.66 -7.93
N THR A 249 -9.88 2.23 -8.44
CA THR A 249 -9.48 0.82 -8.20
C THR A 249 -9.18 0.61 -6.73
N PRO A 250 -8.44 1.46 -6.01
CA PRO A 250 -8.26 1.22 -4.59
C PRO A 250 -9.58 1.12 -3.81
N VAL A 251 -10.54 1.98 -4.12
CA VAL A 251 -11.81 1.95 -3.40
C VAL A 251 -12.59 0.68 -3.73
N TYR A 252 -12.57 0.29 -5.03
CA TYR A 252 -13.19 -0.99 -5.42
C TYR A 252 -12.65 -2.12 -4.56
N LEU A 253 -11.32 -2.17 -4.40
CA LEU A 253 -10.69 -3.27 -3.65
C LEU A 253 -10.96 -3.19 -2.16
N ALA A 254 -11.18 -2.00 -1.64
CA ALA A 254 -11.50 -1.83 -0.24
C ALA A 254 -12.91 -2.26 0.12
N LEU A 255 -13.79 -2.20 -0.87
CA LEU A 255 -15.22 -2.35 -0.68
C LEU A 255 -15.81 -3.59 -1.34
N LEU A 256 -14.97 -4.54 -1.73
CA LEU A 256 -15.43 -5.78 -2.30
C LEU A 256 -16.52 -6.40 -1.44
N PRO A 257 -17.63 -6.85 -2.01
CA PRO A 257 -18.76 -7.28 -1.16
C PRO A 257 -18.37 -8.46 -0.30
N PRO A 258 -19.03 -8.56 0.84
N PRO A 258 -19.03 -8.57 0.86
CA PRO A 258 -18.86 -9.66 1.76
CA PRO A 258 -18.57 -9.58 1.81
C PRO A 258 -18.87 -11.01 1.07
C PRO A 258 -18.80 -10.97 1.26
N ASP A 259 -19.61 -11.20 -0.02
N ASP A 259 -17.99 -11.88 1.79
CA ASP A 259 -19.64 -12.55 -0.59
CA ASP A 259 -18.08 -13.28 1.41
C ASP A 259 -18.64 -12.68 -1.73
C ASP A 259 -17.49 -13.52 0.03
N ALA A 260 -17.71 -11.73 -1.90
N ALA A 260 -17.07 -12.48 -0.67
CA ALA A 260 -16.74 -11.84 -3.00
CA ALA A 260 -16.41 -12.59 -1.96
C ALA A 260 -15.78 -12.98 -2.71
C ALA A 260 -15.14 -13.45 -1.87
N GLU A 261 -15.47 -13.77 -3.74
N GLU A 261 -14.84 -14.21 -2.91
CA GLU A 261 -14.51 -14.87 -3.58
CA GLU A 261 -13.64 -15.07 -2.86
C GLU A 261 -13.09 -14.37 -3.86
C GLU A 261 -12.44 -14.44 -3.57
N GLY A 262 -13.05 -13.19 -4.46
N GLY A 262 -12.70 -13.38 -4.34
CA GLY A 262 -11.82 -12.57 -4.83
CA GLY A 262 -11.71 -12.74 -5.17
C GLY A 262 -12.03 -11.22 -5.50
C GLY A 262 -11.99 -11.30 -5.53
N PRO A 263 -10.99 -10.56 -6.02
CA PRO A 263 -9.60 -11.04 -6.09
C PRO A 263 -8.92 -11.10 -4.73
N HIS A 264 -7.94 -11.97 -4.62
CA HIS A 264 -7.14 -12.12 -3.42
C HIS A 264 -5.71 -12.40 -3.82
N GLY A 265 -4.78 -11.62 -3.31
CA GLY A 265 -3.39 -11.83 -3.64
C GLY A 265 -3.05 -11.36 -5.04
N GLN A 266 -3.88 -10.55 -5.66
CA GLN A 266 -3.64 -10.14 -7.04
C GLN A 266 -3.04 -8.75 -7.13
N PHE A 267 -2.53 -8.41 -8.31
CA PHE A 267 -2.16 -7.07 -8.73
C PHE A 267 -3.28 -6.61 -9.64
N VAL A 268 -3.95 -5.51 -9.31
CA VAL A 268 -5.13 -5.02 -10.01
C VAL A 268 -4.95 -3.59 -10.51
N SER A 269 -5.36 -3.39 -11.79
CA SER A 269 -5.34 -2.07 -12.39
C SER A 269 -6.60 -1.91 -13.19
N GLU A 270 -7.22 -0.75 -13.18
CA GLU A 270 -8.47 -0.57 -13.90
C GLU A 270 -9.48 -1.64 -13.51
N LYS A 271 -9.53 -2.05 -12.27
CA LYS A 271 -10.43 -3.07 -11.71
C LYS A 271 -10.19 -4.44 -12.28
N ARG A 272 -9.11 -4.66 -13.00
CA ARG A 272 -8.77 -5.91 -13.67
C ARG A 272 -7.47 -6.52 -13.16
N VAL A 273 -7.49 -7.83 -12.98
CA VAL A 273 -6.31 -8.55 -12.52
C VAL A 273 -5.27 -8.62 -13.62
N GLU A 274 -4.04 -8.24 -13.32
CA GLU A 274 -2.85 -8.30 -14.18
C GLU A 274 -2.03 -9.52 -13.84
N GLN A 275 -1.41 -10.13 -14.84
CA GLN A 275 -0.50 -11.22 -14.59
C GLN A 275 0.80 -10.65 -14.01
N TRP A 276 1.29 -11.39 -13.01
CA TRP A 276 2.56 -11.07 -12.36
C TRP A 276 3.62 -12.03 -12.86
#